data_9BL1
#
_entry.id   9BL1
#
_cell.length_a   77.306
_cell.length_b   77.306
_cell.length_c   92.420
_cell.angle_alpha   90.00
_cell.angle_beta   90.00
_cell.angle_gamma   90.00
#
_symmetry.space_group_name_H-M   'P 42 21 2'
#
loop_
_entity.id
_entity.type
_entity.pdbx_description
1 polymer 'Heme-binding protein, PtHOZ1'
2 non-polymer 'NICKEL (II) ION'
3 water water
#
_entity_poly.entity_id   1
_entity_poly.type   'polypeptide(L)'
_entity_poly.pdbx_seq_one_letter_code
;(MSE)SVAQSSTQAVSTGDVNSDANVFQLIQTHQEKAARLPPVEEIRTVLDQSTHG(MSE)LSTFSQKHGGYPSGSVVDF
ACDADGSPIVAVSSWAVHAKDLIANPKCSLLVAKDPEDRTDLVITLHGDSIPVSEKDVTAVRTAYLAKHPGAFRVDFGDF
QF(MSE)RIEPKAVQYVSGVATTLFGSGEFSKEEYQTAKVDPIAQFSKPVASH(MSE)NRDHAEDTRLIVQHSTSIPVDS
AY(MSE)LDVDSLGFNVKAVYQGNTYKLRIPFPRRAEERKDVKTLVVE(MSE)LQAAKSQIKENLYFQSHHHHHH
;
_entity_poly.pdbx_strand_id   A
#
# COMPACT_ATOMS: atom_id res chain seq x y z
N ASN A 21 4.55 23.70 -13.08
CA ASN A 21 4.44 22.24 -12.81
C ASN A 21 4.61 21.46 -14.11
N VAL A 22 5.59 20.54 -14.14
CA VAL A 22 6.02 19.80 -15.36
C VAL A 22 5.55 18.33 -15.28
N PHE A 23 4.71 17.95 -14.30
CA PHE A 23 4.17 16.58 -14.20
C PHE A 23 3.30 16.31 -15.42
N GLN A 24 2.51 17.32 -15.79
CA GLN A 24 1.60 17.27 -16.96
C GLN A 24 2.42 16.84 -18.19
N LEU A 25 3.71 17.21 -18.25
CA LEU A 25 4.55 16.95 -19.44
C LEU A 25 4.94 15.48 -19.53
N ILE A 26 4.98 14.76 -18.40
CA ILE A 26 5.39 13.33 -18.45
C ILE A 26 4.19 12.42 -18.12
N GLN A 27 2.99 13.01 -18.03
CA GLN A 27 1.70 12.32 -17.80
C GLN A 27 1.67 11.01 -18.58
N THR A 28 1.90 11.06 -19.90
CA THR A 28 1.81 9.89 -20.80
C THR A 28 2.80 8.82 -20.39
N HIS A 29 4.08 9.15 -20.23
CA HIS A 29 5.13 8.17 -19.84
C HIS A 29 4.75 7.54 -18.49
N GLN A 30 4.29 8.36 -17.54
CA GLN A 30 3.95 7.90 -16.17
C GLN A 30 2.76 6.94 -16.26
N GLU A 31 1.79 7.23 -17.13
CA GLU A 31 0.67 6.29 -17.43
C GLU A 31 1.20 4.94 -17.92
N LYS A 32 2.23 4.91 -18.77
CA LYS A 32 2.75 3.67 -19.39
C LYS A 32 3.70 2.89 -18.48
N ALA A 33 4.27 3.51 -17.45
CA ALA A 33 5.27 2.91 -16.54
C ALA A 33 4.73 1.58 -15.99
N ALA A 34 5.50 0.49 -16.03
CA ALA A 34 5.08 -0.86 -15.57
C ALA A 34 4.61 -0.77 -14.11
N ARG A 35 3.41 -1.29 -13.85
CA ARG A 35 2.80 -1.31 -12.50
C ARG A 35 2.15 -2.67 -12.34
N LEU A 36 1.87 -3.06 -11.09
CA LEU A 36 1.05 -4.27 -10.88
C LEU A 36 -0.28 -4.04 -11.56
N PRO A 37 -0.96 -5.11 -12.01
CA PRO A 37 -2.36 -5.03 -12.40
C PRO A 37 -3.19 -4.53 -11.23
N PRO A 38 -4.28 -3.76 -11.46
CA PRO A 38 -5.07 -3.19 -10.36
C PRO A 38 -5.44 -4.14 -9.21
N VAL A 39 -5.94 -5.35 -9.49
CA VAL A 39 -6.42 -6.25 -8.41
C VAL A 39 -5.18 -6.65 -7.58
N GLU A 40 -4.00 -6.83 -8.20
CA GLU A 40 -2.79 -7.20 -7.42
C GLU A 40 -2.29 -5.98 -6.62
N GLU A 41 -2.36 -4.79 -7.20
CA GLU A 41 -2.04 -3.53 -6.49
C GLU A 41 -2.95 -3.45 -5.25
N ILE A 42 -4.26 -3.60 -5.39
CA ILE A 42 -5.21 -3.47 -4.24
C ILE A 42 -4.90 -4.60 -3.24
N ARG A 43 -4.71 -5.84 -3.68
CA ARG A 43 -4.42 -6.99 -2.76
C ARG A 43 -3.12 -6.67 -1.97
N THR A 44 -2.09 -6.16 -2.65
CA THR A 44 -0.77 -5.90 -2.05
C THR A 44 -0.87 -4.73 -1.06
N VAL A 45 -1.42 -3.60 -1.45
CA VAL A 45 -1.55 -2.42 -0.55
C VAL A 45 -2.31 -2.84 0.71
N LEU A 46 -3.43 -3.54 0.58
CA LEU A 46 -4.19 -3.96 1.77
C LEU A 46 -3.34 -4.90 2.63
N ASP A 47 -2.62 -5.83 2.00
CA ASP A 47 -1.78 -6.81 2.73
C ASP A 47 -0.70 -6.07 3.52
N GLN A 48 -0.16 -4.99 2.95
CA GLN A 48 0.96 -4.20 3.58
C GLN A 48 0.46 -3.14 4.56
N SER A 49 -0.85 -2.85 4.61
CA SER A 49 -1.41 -1.79 5.47
C SER A 49 -1.65 -2.33 6.89
N THR A 50 -1.56 -1.48 7.93
CA THR A 50 -1.67 -1.87 9.35
C THR A 50 -2.80 -1.13 10.04
N HIS A 51 -3.39 -0.11 9.40
CA HIS A 51 -4.49 0.63 10.05
C HIS A 51 -5.38 1.20 8.97
N GLY A 52 -6.62 1.47 9.34
CA GLY A 52 -7.57 2.08 8.40
C GLY A 52 -8.76 2.66 9.16
N LEU A 54 -12.66 2.43 9.90
CA LEU A 54 -13.78 1.53 9.91
C LEU A 54 -15.08 2.30 9.98
N SER A 55 -16.03 2.03 9.07
CA SER A 55 -17.40 2.56 9.12
C SER A 55 -18.33 1.45 9.58
N THR A 56 -19.09 1.75 10.64
CA THR A 56 -19.98 0.77 11.28
C THR A 56 -21.37 1.38 11.40
N PHE A 57 -22.34 0.53 11.70
CA PHE A 57 -23.71 0.98 11.93
C PHE A 57 -24.36 0.06 12.96
N SER A 58 -24.84 0.66 14.03
CA SER A 58 -25.42 -0.10 15.18
C SER A 58 -26.83 0.42 15.40
N GLN A 59 -27.67 -0.40 16.00
CA GLN A 59 -28.96 0.10 16.55
C GLN A 59 -28.52 0.89 17.79
N LYS A 60 -29.33 1.71 18.38
CA LYS A 60 -28.96 2.39 19.65
C LYS A 60 -27.85 3.43 19.39
N HIS A 61 -27.78 4.00 18.18
CA HIS A 61 -26.80 5.07 17.92
C HIS A 61 -27.49 6.12 17.04
N GLY A 62 -28.79 6.36 17.25
CA GLY A 62 -29.55 7.50 16.68
C GLY A 62 -29.77 7.38 15.19
N GLY A 63 -29.47 6.24 14.58
CA GLY A 63 -29.47 6.08 13.12
C GLY A 63 -28.27 6.69 12.43
N TYR A 64 -27.23 7.11 13.17
CA TYR A 64 -25.96 7.62 12.62
C TYR A 64 -24.96 6.51 12.38
N PRO A 65 -24.45 6.34 11.14
CA PRO A 65 -23.31 5.48 10.90
C PRO A 65 -22.10 6.22 11.49
N SER A 66 -21.08 5.44 11.86
CA SER A 66 -19.96 5.93 12.68
C SER A 66 -18.65 5.52 12.01
N GLY A 67 -17.63 6.34 12.23
CA GLY A 67 -16.26 6.01 11.84
C GLY A 67 -15.34 5.89 13.04
N SER A 68 -14.33 5.03 12.92
CA SER A 68 -13.29 4.84 13.94
C SER A 68 -11.96 4.52 13.27
N VAL A 69 -10.84 4.80 13.91
CA VAL A 69 -9.53 4.33 13.37
C VAL A 69 -9.23 3.00 14.03
N VAL A 70 -8.88 1.99 13.24
CA VAL A 70 -8.59 0.65 13.79
C VAL A 70 -7.25 0.20 13.24
N ASP A 71 -6.54 -0.59 14.05
CA ASP A 71 -5.42 -1.44 13.55
C ASP A 71 -6.04 -2.70 12.95
N PHE A 72 -5.41 -3.27 11.93
CA PHE A 72 -5.74 -4.61 11.41
C PHE A 72 -4.50 -5.27 10.78
N ALA A 73 -4.68 -6.55 10.50
CA ALA A 73 -3.71 -7.39 9.76
C ALA A 73 -4.50 -8.30 8.86
N CYS A 74 -4.23 -8.22 7.56
CA CYS A 74 -4.88 -9.11 6.57
C CYS A 74 -4.43 -10.54 6.86
N ASP A 75 -5.36 -11.49 6.78
CA ASP A 75 -5.02 -12.93 6.84
C ASP A 75 -4.52 -13.32 5.45
N ALA A 76 -4.17 -14.60 5.23
CA ALA A 76 -3.60 -15.06 3.95
C ALA A 76 -4.62 -14.89 2.80
N ASP A 77 -5.92 -14.85 3.08
CA ASP A 77 -6.94 -14.65 2.01
C ASP A 77 -7.20 -13.16 1.78
N GLY A 78 -6.54 -12.28 2.54
CA GLY A 78 -6.70 -10.81 2.44
C GLY A 78 -7.86 -10.25 3.27
N SER A 79 -8.42 -11.04 4.18
CA SER A 79 -9.47 -10.57 5.14
C SER A 79 -8.81 -9.83 6.30
N PRO A 80 -9.15 -8.54 6.52
CA PRO A 80 -8.60 -7.82 7.66
C PRO A 80 -9.03 -8.49 8.96
N ILE A 81 -8.04 -8.75 9.81
CA ILE A 81 -8.30 -9.19 11.20
C ILE A 81 -8.23 -7.96 12.06
N VAL A 82 -9.26 -7.71 12.86
CA VAL A 82 -9.28 -6.58 13.82
C VAL A 82 -9.42 -7.15 15.24
N ALA A 83 -8.61 -6.62 16.15
CA ALA A 83 -8.71 -6.91 17.60
C ALA A 83 -9.71 -5.91 18.19
N VAL A 84 -10.95 -6.32 18.41
CA VAL A 84 -12.03 -5.36 18.79
C VAL A 84 -12.26 -5.43 20.30
N SER A 85 -12.01 -4.32 21.00
CA SER A 85 -12.46 -4.08 22.40
C SER A 85 -13.96 -3.74 22.41
N SER A 86 -14.71 -4.36 23.32
CA SER A 86 -16.12 -4.01 23.62
C SER A 86 -16.20 -2.59 24.17
N TRP A 87 -15.08 -1.99 24.59
CA TRP A 87 -15.02 -0.60 25.13
C TRP A 87 -14.66 0.43 24.05
N ALA A 88 -14.28 0.02 22.85
CA ALA A 88 -13.79 0.96 21.81
C ALA A 88 -15.00 1.69 21.19
N VAL A 89 -15.08 2.98 21.37
CA VAL A 89 -16.22 3.78 20.86
C VAL A 89 -16.29 3.57 19.35
N HIS A 90 -17.48 3.20 18.91
CA HIS A 90 -17.84 2.88 17.51
C HIS A 90 -17.25 1.53 17.08
N ALA A 91 -15.94 1.27 17.19
CA ALA A 91 -15.34 0.03 16.64
C ALA A 91 -15.99 -1.17 17.35
N LYS A 92 -16.45 -1.01 18.59
CA LYS A 92 -17.16 -2.10 19.32
C LYS A 92 -18.38 -2.55 18.52
N ASP A 93 -18.96 -1.69 17.68
CA ASP A 93 -20.13 -2.06 16.83
C ASP A 93 -19.88 -3.37 16.06
N LEU A 94 -18.66 -3.65 15.65
CA LEU A 94 -18.32 -4.86 14.86
C LEU A 94 -18.75 -6.14 15.59
N ILE A 95 -18.55 -6.18 16.92
CA ILE A 95 -18.91 -7.34 17.80
C ILE A 95 -20.22 -7.93 17.27
N ALA A 96 -21.26 -7.10 17.21
CA ALA A 96 -22.69 -7.43 17.06
C ALA A 96 -23.29 -7.00 15.72
N ASN A 97 -22.68 -6.08 14.97
CA ASN A 97 -23.26 -5.51 13.71
C ASN A 97 -22.26 -5.78 12.60
N PRO A 98 -22.35 -6.95 11.94
CA PRO A 98 -21.30 -7.43 11.07
C PRO A 98 -21.05 -6.54 9.85
N LYS A 99 -22.07 -5.84 9.33
CA LYS A 99 -21.89 -5.10 8.05
C LYS A 99 -21.10 -3.82 8.33
N CYS A 100 -19.96 -3.66 7.65
CA CYS A 100 -19.03 -2.56 7.88
C CYS A 100 -18.29 -2.25 6.56
N SER A 101 -17.48 -1.21 6.63
CA SER A 101 -16.52 -0.88 5.56
C SER A 101 -15.18 -0.52 6.21
N LEU A 102 -14.08 -0.80 5.50
CA LEU A 102 -12.73 -0.42 5.95
C LEU A 102 -12.12 0.40 4.82
N LEU A 103 -11.66 1.61 5.15
CA LEU A 103 -11.07 2.54 4.19
C LEU A 103 -9.56 2.62 4.49
N VAL A 104 -8.77 2.43 3.46
CA VAL A 104 -7.30 2.47 3.56
C VAL A 104 -6.83 3.46 2.51
N ALA A 105 -6.12 4.48 2.97
CA ALA A 105 -5.62 5.57 2.11
C ALA A 105 -4.11 5.44 2.09
N LYS A 106 -3.55 4.95 0.97
CA LYS A 106 -2.09 4.67 0.78
C LYS A 106 -1.29 5.84 1.37
N ASP A 107 -1.70 7.09 1.11
CA ASP A 107 -1.17 8.32 1.74
C ASP A 107 -2.33 9.23 2.16
N PRO A 108 -2.65 9.31 3.48
CA PRO A 108 -3.90 9.93 3.93
C PRO A 108 -4.11 11.38 3.46
N GLU A 109 -3.03 12.18 3.42
CA GLU A 109 -3.05 13.59 2.96
C GLU A 109 -3.46 13.65 1.49
N ASP A 110 -2.60 13.14 0.60
CA ASP A 110 -2.66 13.30 -0.89
C ASP A 110 -4.01 12.84 -1.43
N ARG A 111 -4.92 13.78 -1.74
CA ARG A 111 -6.30 13.46 -2.19
C ARG A 111 -6.30 12.94 -3.64
N THR A 112 -5.18 12.96 -4.36
CA THR A 112 -5.10 12.30 -5.69
C THR A 112 -4.62 10.84 -5.50
N ASP A 113 -4.18 10.42 -4.32
CA ASP A 113 -3.50 9.10 -4.16
C ASP A 113 -4.56 8.00 -3.95
N LEU A 114 -4.14 6.73 -3.98
CA LEU A 114 -5.04 5.55 -4.01
C LEU A 114 -5.78 5.44 -2.68
N VAL A 115 -7.08 5.25 -2.75
CA VAL A 115 -7.99 5.05 -1.60
C VAL A 115 -8.75 3.77 -1.88
N ILE A 116 -8.67 2.83 -0.97
CA ILE A 116 -9.30 1.49 -1.13
C ILE A 116 -10.42 1.41 -0.09
N THR A 117 -11.57 0.91 -0.50
CA THR A 117 -12.75 0.67 0.36
C THR A 117 -13.09 -0.81 0.25
N LEU A 118 -13.19 -1.50 1.38
CA LEU A 118 -13.62 -2.91 1.40
C LEU A 118 -14.96 -2.90 2.15
N HIS A 119 -16.02 -3.35 1.50
CA HIS A 119 -17.29 -3.63 2.21
C HIS A 119 -17.26 -5.11 2.61
N GLY A 120 -17.60 -5.38 3.84
CA GLY A 120 -17.60 -6.78 4.31
C GLY A 120 -18.35 -7.00 5.59
N ASP A 121 -18.30 -8.26 6.02
CA ASP A 121 -19.08 -8.79 7.16
C ASP A 121 -18.07 -9.26 8.21
N SER A 122 -18.13 -8.68 9.41
CA SER A 122 -17.24 -9.09 10.55
C SER A 122 -17.73 -10.44 11.07
N ILE A 123 -16.82 -11.39 11.17
CA ILE A 123 -17.05 -12.78 11.66
C ILE A 123 -16.12 -12.98 12.86
N PRO A 124 -16.62 -13.39 14.03
CA PRO A 124 -15.74 -13.73 15.14
C PRO A 124 -14.80 -14.86 14.71
N VAL A 125 -13.54 -14.76 15.09
CA VAL A 125 -12.52 -15.81 14.93
C VAL A 125 -12.85 -16.92 15.94
N SER A 126 -13.16 -18.14 15.48
CA SER A 126 -13.48 -19.34 16.31
C SER A 126 -12.30 -19.68 17.24
N GLU A 127 -12.62 -20.20 18.43
CA GLU A 127 -11.63 -20.62 19.46
C GLU A 127 -10.44 -21.33 18.80
N LYS A 128 -10.71 -22.28 17.90
CA LYS A 128 -9.69 -23.10 17.20
C LYS A 128 -8.63 -22.22 16.51
N ASP A 129 -9.06 -21.15 15.84
CA ASP A 129 -8.21 -20.31 14.95
C ASP A 129 -7.52 -19.19 15.75
N VAL A 130 -7.91 -18.94 17.01
CA VAL A 130 -7.41 -17.77 17.81
C VAL A 130 -5.88 -17.76 17.81
N THR A 131 -5.22 -18.86 18.17
CA THR A 131 -3.73 -18.92 18.23
C THR A 131 -3.17 -18.61 16.83
N ALA A 132 -3.65 -19.29 15.80
CA ALA A 132 -3.19 -19.12 14.40
C ALA A 132 -3.42 -17.68 13.92
N VAL A 133 -4.56 -17.08 14.27
CA VAL A 133 -4.89 -15.66 13.95
C VAL A 133 -4.04 -14.71 14.80
N ARG A 134 -3.95 -14.94 16.10
CA ARG A 134 -3.13 -14.10 17.03
C ARG A 134 -1.69 -14.04 16.51
N THR A 135 -1.11 -15.18 16.13
CA THR A 135 0.26 -15.26 15.54
C THR A 135 0.31 -14.32 14.32
N ALA A 136 -0.57 -14.56 13.34
CA ALA A 136 -0.65 -13.80 12.07
C ALA A 136 -0.74 -12.29 12.33
N TYR A 137 -1.53 -11.87 13.32
CA TYR A 137 -1.73 -10.44 13.67
C TYR A 137 -0.42 -9.85 14.20
N LEU A 138 0.33 -10.62 15.00
CA LEU A 138 1.59 -10.14 15.63
C LEU A 138 2.68 -9.93 14.58
N ALA A 139 2.60 -10.67 13.45
CA ALA A 139 3.52 -10.52 12.30
C ALA A 139 3.23 -9.26 11.47
N LYS A 140 2.43 -8.32 12.00
CA LYS A 140 2.17 -6.99 11.37
C LYS A 140 2.10 -5.89 12.44
N HIS A 141 1.77 -6.23 13.70
CA HIS A 141 1.85 -5.30 14.86
C HIS A 141 2.78 -5.88 15.92
N PRO A 142 4.08 -6.12 15.59
CA PRO A 142 5.02 -6.63 16.59
C PRO A 142 5.09 -5.63 17.75
N GLY A 143 4.69 -6.07 18.95
CA GLY A 143 4.61 -5.21 20.15
C GLY A 143 3.18 -4.92 20.55
N ALA A 144 2.25 -5.80 20.16
CA ALA A 144 0.90 -5.92 20.75
C ALA A 144 1.00 -6.86 21.96
N PHE A 145 -0.14 -7.26 22.55
CA PHE A 145 -0.22 -8.26 23.65
C PHE A 145 0.69 -7.84 24.83
N ARG A 146 1.31 -6.65 24.76
CA ARG A 146 2.28 -6.15 25.77
C ARG A 146 1.69 -6.32 27.17
N VAL A 147 0.36 -6.16 27.32
CA VAL A 147 -0.40 -6.48 28.55
C VAL A 147 -1.09 -7.84 28.37
N ASP A 148 -1.96 -7.96 27.36
CA ASP A 148 -2.92 -9.09 27.21
C ASP A 148 -3.72 -8.90 25.91
N PHE A 149 -3.91 -9.98 25.13
CA PHE A 149 -4.83 -10.03 23.96
C PHE A 149 -6.19 -10.60 24.38
N GLY A 150 -6.28 -11.16 25.59
CA GLY A 150 -7.54 -11.60 26.24
C GLY A 150 -8.52 -10.46 26.49
N ASP A 151 -8.08 -9.19 26.39
CA ASP A 151 -8.91 -7.97 26.58
C ASP A 151 -9.69 -7.60 25.31
N PHE A 152 -9.53 -8.38 24.22
CA PHE A 152 -10.03 -8.07 22.85
C PHE A 152 -10.70 -9.30 22.24
N GLN A 153 -11.62 -9.07 21.29
CA GLN A 153 -12.27 -10.11 20.45
C GLN A 153 -11.70 -10.01 19.02
N PHE A 154 -11.08 -11.07 18.49
CA PHE A 154 -10.57 -11.06 17.09
C PHE A 154 -11.75 -11.24 16.14
N ARG A 156 -12.72 -11.16 11.93
CA ARG A 156 -12.28 -11.20 10.56
C ARG A 156 -13.32 -10.50 9.66
N ILE A 157 -12.94 -9.45 8.89
CA ILE A 157 -13.87 -8.81 7.91
C ILE A 157 -13.81 -9.57 6.60
N GLU A 158 -14.80 -10.42 6.36
CA GLU A 158 -14.94 -11.16 5.09
C GLU A 158 -15.44 -10.16 4.04
N PRO A 159 -14.66 -9.87 3.00
CA PRO A 159 -15.10 -8.91 1.99
C PRO A 159 -16.26 -9.42 1.12
N LYS A 160 -17.14 -8.49 0.78
CA LYS A 160 -18.24 -8.65 -0.20
C LYS A 160 -17.89 -7.89 -1.47
N ALA A 161 -17.18 -6.76 -1.35
CA ALA A 161 -16.82 -5.90 -2.48
C ALA A 161 -15.57 -5.10 -2.11
N VAL A 162 -14.70 -4.88 -3.09
CA VAL A 162 -13.50 -4.03 -2.86
C VAL A 162 -13.47 -2.98 -3.98
N GLN A 163 -13.49 -1.71 -3.61
CA GLN A 163 -13.55 -0.57 -4.55
C GLN A 163 -12.27 0.24 -4.38
N TYR A 164 -11.82 0.95 -5.41
CA TYR A 164 -10.68 1.87 -5.29
C TYR A 164 -10.92 3.09 -6.20
N VAL A 165 -10.28 4.18 -5.79
CA VAL A 165 -10.19 5.44 -6.58
C VAL A 165 -8.75 5.90 -6.51
N SER A 166 -8.22 6.47 -7.59
CA SER A 166 -6.84 7.00 -7.63
C SER A 166 -6.75 8.15 -8.65
N GLY A 167 -5.95 9.18 -8.33
CA GLY A 167 -5.47 10.21 -9.27
C GLY A 167 -3.95 10.14 -9.49
N VAL A 168 -3.24 9.38 -8.63
CA VAL A 168 -1.76 9.20 -8.75
C VAL A 168 -1.50 7.88 -9.48
N ALA A 169 -1.63 6.74 -8.80
CA ALA A 169 -1.41 5.39 -9.41
C ALA A 169 -2.12 5.32 -10.77
N THR A 170 -3.26 5.98 -10.92
CA THR A 170 -3.94 6.06 -12.24
C THR A 170 -5.18 6.93 -12.09
N THR A 171 -5.49 7.78 -13.06
CA THR A 171 -6.64 8.72 -12.94
C THR A 171 -7.78 8.20 -13.82
N LEU A 172 -7.64 8.27 -15.15
CA LEU A 172 -8.65 7.70 -16.07
C LEU A 172 -8.98 6.27 -15.65
N PHE A 173 -7.97 5.39 -15.64
CA PHE A 173 -8.16 3.99 -15.16
C PHE A 173 -8.11 3.99 -13.63
N GLY A 174 -8.28 5.15 -12.99
CA GLY A 174 -8.13 5.27 -11.53
C GLY A 174 -9.40 5.02 -10.75
N SER A 175 -10.19 4.03 -11.17
CA SER A 175 -11.36 3.66 -10.37
C SER A 175 -11.74 2.25 -10.80
N GLY A 176 -12.23 1.47 -9.84
CA GLY A 176 -12.61 0.10 -10.15
C GLY A 176 -13.15 -0.62 -8.94
N GLU A 177 -13.54 -1.85 -9.16
CA GLU A 177 -14.11 -2.68 -8.09
C GLU A 177 -13.86 -4.16 -8.39
N PHE A 178 -13.85 -4.94 -7.35
CA PHE A 178 -13.60 -6.39 -7.43
C PHE A 178 -14.58 -7.09 -6.51
N SER A 179 -14.95 -8.29 -6.95
CA SER A 179 -15.73 -9.25 -6.16
C SER A 179 -14.85 -9.86 -5.08
N LYS A 180 -15.48 -10.51 -4.11
CA LYS A 180 -14.72 -11.27 -3.09
C LYS A 180 -13.78 -12.25 -3.80
N GLU A 181 -14.27 -12.96 -4.81
CA GLU A 181 -13.51 -14.07 -5.46
C GLU A 181 -12.31 -13.47 -6.21
N GLU A 182 -12.51 -12.35 -6.91
CA GLU A 182 -11.42 -11.68 -7.67
C GLU A 182 -10.32 -11.23 -6.70
N TYR A 183 -10.71 -10.64 -5.58
CA TYR A 183 -9.78 -10.10 -4.57
C TYR A 183 -9.03 -11.26 -3.92
N GLN A 184 -9.76 -12.28 -3.48
CA GLN A 184 -9.15 -13.38 -2.70
C GLN A 184 -8.18 -14.16 -3.58
N THR A 185 -8.43 -14.32 -4.87
CA THR A 185 -7.56 -15.12 -5.78
C THR A 185 -6.38 -14.31 -6.31
N ALA A 186 -6.40 -12.97 -6.22
CA ALA A 186 -5.25 -12.11 -6.51
C ALA A 186 -4.08 -12.46 -5.58
N LYS A 187 -2.87 -12.38 -6.11
CA LYS A 187 -1.59 -12.65 -5.40
C LYS A 187 -1.09 -11.34 -4.79
N VAL A 188 -0.66 -11.38 -3.53
CA VAL A 188 0.20 -10.32 -2.95
C VAL A 188 1.53 -10.39 -3.71
N ASP A 189 2.01 -9.25 -4.22
CA ASP A 189 3.35 -9.15 -4.83
C ASP A 189 4.37 -9.61 -3.79
N PRO A 190 5.22 -10.61 -4.08
CA PRO A 190 6.14 -11.15 -3.07
C PRO A 190 7.34 -10.24 -2.73
N ILE A 191 7.57 -9.17 -3.49
CA ILE A 191 8.71 -8.25 -3.24
C ILE A 191 8.26 -7.13 -2.29
N ALA A 192 6.95 -6.82 -2.25
CA ALA A 192 6.39 -5.64 -1.56
C ALA A 192 6.75 -5.68 -0.08
N GLN A 193 6.76 -6.86 0.54
CA GLN A 193 7.12 -7.01 1.97
C GLN A 193 8.49 -6.41 2.29
N PHE A 194 9.39 -6.29 1.30
CA PHE A 194 10.77 -5.73 1.49
C PHE A 194 10.82 -4.22 1.27
N SER A 195 9.66 -3.58 1.07
CA SER A 195 9.54 -2.12 0.89
C SER A 195 10.26 -1.36 2.00
N LYS A 196 9.90 -1.54 3.28
CA LYS A 196 10.44 -0.66 4.33
C LYS A 196 11.96 -0.85 4.49
N PRO A 197 12.53 -2.07 4.49
CA PRO A 197 13.99 -2.20 4.59
C PRO A 197 14.75 -1.67 3.37
N VAL A 198 14.22 -1.90 2.17
CA VAL A 198 14.89 -1.42 0.93
C VAL A 198 14.82 0.11 0.89
N ALA A 199 13.66 0.69 1.10
CA ALA A 199 13.48 2.16 1.04
C ALA A 199 14.34 2.78 2.13
N SER A 200 14.26 2.25 3.36
CA SER A 200 15.01 2.73 4.55
C SER A 200 16.46 2.94 4.17
N HIS A 201 17.03 1.89 3.61
CA HIS A 201 18.44 1.77 3.22
C HIS A 201 18.77 2.78 2.13
N ASN A 203 17.16 5.47 1.27
CA ASN A 203 16.93 6.86 1.65
C ASN A 203 18.00 7.31 2.66
N ARG A 204 18.56 6.39 3.45
CA ARG A 204 19.58 6.70 4.49
C ARG A 204 20.97 6.84 3.84
N ASP A 205 21.38 5.87 3.04
CA ASP A 205 22.77 5.73 2.54
C ASP A 205 22.90 6.09 1.06
N HIS A 206 21.83 6.05 0.25
CA HIS A 206 21.99 6.16 -1.23
C HIS A 206 21.03 7.16 -1.87
N ALA A 207 20.65 8.21 -1.16
CA ALA A 207 19.61 9.18 -1.59
C ALA A 207 19.99 9.82 -2.92
N GLU A 208 21.27 10.08 -3.17
CA GLU A 208 21.71 10.75 -4.41
C GLU A 208 21.63 9.75 -5.55
N ASP A 209 21.78 8.45 -5.27
CA ASP A 209 21.64 7.40 -6.30
C ASP A 209 20.17 7.36 -6.72
N THR A 210 19.23 7.41 -5.77
CA THR A 210 17.79 7.46 -6.09
C THR A 210 17.52 8.70 -6.94
N ARG A 211 18.07 9.86 -6.57
CA ARG A 211 17.91 11.09 -7.35
C ARG A 211 18.32 10.85 -8.81
N LEU A 212 19.54 10.38 -9.07
CA LEU A 212 20.10 10.16 -10.43
C LEU A 212 19.22 9.19 -11.21
N ILE A 213 18.77 8.11 -10.56
CA ILE A 213 17.91 7.09 -11.23
C ILE A 213 16.61 7.78 -11.67
N VAL A 214 15.99 8.54 -10.76
CA VAL A 214 14.72 9.23 -11.06
C VAL A 214 14.91 10.23 -12.22
N GLN A 215 16.01 10.97 -12.22
CA GLN A 215 16.26 11.93 -13.33
C GLN A 215 16.33 11.19 -14.66
N HIS A 216 17.06 10.07 -14.73
CA HIS A 216 17.25 9.24 -15.94
C HIS A 216 15.91 8.69 -16.38
N SER A 217 15.12 8.15 -15.44
CA SER A 217 13.82 7.49 -15.70
C SER A 217 12.83 8.53 -16.24
N THR A 218 12.76 9.71 -15.63
CA THR A 218 11.63 10.65 -15.87
C THR A 218 12.07 11.84 -16.72
N SER A 219 13.37 12.13 -16.83
CA SER A 219 13.94 13.34 -17.49
C SER A 219 13.62 14.63 -16.73
N ILE A 220 13.17 14.53 -15.49
CA ILE A 220 13.05 15.71 -14.59
C ILE A 220 14.27 15.68 -13.69
N PRO A 221 15.11 16.75 -13.72
CA PRO A 221 16.28 16.83 -12.84
C PRO A 221 15.83 17.21 -11.43
N VAL A 222 15.22 16.26 -10.74
CA VAL A 222 14.64 16.45 -9.39
C VAL A 222 15.74 16.82 -8.38
N ASP A 223 15.37 17.66 -7.40
CA ASP A 223 16.18 18.07 -6.23
C ASP A 223 16.51 16.85 -5.41
N SER A 224 15.54 15.95 -5.24
CA SER A 224 15.62 14.79 -4.31
C SER A 224 14.55 13.79 -4.72
N ALA A 225 14.75 12.52 -4.35
CA ALA A 225 13.76 11.45 -4.55
C ALA A 225 13.83 10.52 -3.34
N TYR A 226 12.75 10.48 -2.58
CA TYR A 226 12.60 9.63 -1.36
C TYR A 226 11.79 8.40 -1.77
N LEU A 228 9.43 5.28 -1.61
CA LEU A 228 8.22 5.15 -0.80
C LEU A 228 7.88 3.69 -0.57
N ASP A 229 7.77 2.93 -1.65
CA ASP A 229 7.33 1.50 -1.66
C ASP A 229 7.90 0.84 -2.91
N VAL A 230 8.14 -0.46 -2.82
CA VAL A 230 8.75 -1.25 -3.92
C VAL A 230 7.83 -2.43 -4.28
N ASP A 231 7.86 -2.88 -5.51
CA ASP A 231 7.17 -4.15 -5.84
C ASP A 231 8.06 -4.84 -6.88
N SER A 232 7.61 -5.96 -7.43
CA SER A 232 8.45 -6.75 -8.38
C SER A 232 8.72 -5.96 -9.66
N LEU A 233 7.96 -4.89 -9.97
CA LEU A 233 8.06 -4.19 -11.28
C LEU A 233 8.73 -2.83 -11.13
N GLY A 234 8.99 -2.34 -9.92
CA GLY A 234 9.64 -1.03 -9.74
C GLY A 234 9.32 -0.42 -8.42
N PHE A 235 9.57 0.88 -8.29
CA PHE A 235 9.35 1.57 -7.00
C PHE A 235 8.76 2.94 -7.27
N ASN A 236 8.15 3.46 -6.22
CA ASN A 236 7.47 4.77 -6.19
C ASN A 236 8.37 5.73 -5.40
N VAL A 237 8.44 6.97 -5.85
CA VAL A 237 9.20 8.02 -5.12
C VAL A 237 8.30 9.20 -4.89
N LYS A 238 8.62 9.95 -3.85
CA LYS A 238 8.19 11.33 -3.65
C LYS A 238 9.40 12.17 -4.01
N ALA A 239 9.29 12.92 -5.09
CA ALA A 239 10.39 13.79 -5.58
C ALA A 239 9.97 15.27 -5.49
N VAL A 240 10.98 16.13 -5.33
CA VAL A 240 10.80 17.61 -5.29
C VAL A 240 11.54 18.20 -6.49
N TYR A 241 10.91 19.14 -7.17
CA TYR A 241 11.52 19.89 -8.28
C TYR A 241 10.97 21.32 -8.22
N GLN A 242 11.87 22.28 -7.98
CA GLN A 242 11.54 23.73 -7.98
C GLN A 242 10.31 23.98 -7.13
N GLY A 243 10.34 23.57 -5.86
CA GLY A 243 9.29 23.87 -4.87
C GLY A 243 8.16 22.85 -4.83
N ASN A 244 7.95 22.07 -5.89
CA ASN A 244 6.74 21.21 -6.08
C ASN A 244 7.10 19.75 -5.80
N THR A 245 6.18 19.02 -5.18
CA THR A 245 6.38 17.61 -4.81
C THR A 245 5.61 16.75 -5.80
N TYR A 246 6.24 15.70 -6.33
CA TYR A 246 5.72 14.83 -7.40
C TYR A 246 5.78 13.39 -6.91
N LYS A 247 4.69 12.63 -6.99
CA LYS A 247 4.77 11.15 -6.81
C LYS A 247 5.05 10.52 -8.16
N LEU A 248 6.16 9.79 -8.28
CA LEU A 248 6.55 9.21 -9.59
C LEU A 248 6.74 7.70 -9.49
N ARG A 249 6.33 7.01 -10.52
CA ARG A 249 6.52 5.55 -10.71
C ARG A 249 7.83 5.36 -11.47
N ILE A 250 8.73 4.60 -10.89
CA ILE A 250 10.07 4.26 -11.46
C ILE A 250 10.16 2.76 -11.72
N PRO A 251 9.87 2.35 -12.95
CA PRO A 251 9.92 0.92 -13.29
C PRO A 251 11.34 0.37 -13.39
N PHE A 252 11.52 -0.83 -12.84
CA PHE A 252 12.75 -1.63 -13.08
C PHE A 252 12.93 -1.95 -14.57
N PRO A 253 14.19 -2.19 -15.00
CA PRO A 253 14.47 -2.66 -16.37
C PRO A 253 13.75 -3.95 -16.74
N ARG A 254 13.50 -4.80 -15.74
CA ARG A 254 12.68 -6.03 -15.86
C ARG A 254 12.23 -6.47 -14.45
N ARG A 255 11.33 -7.44 -14.40
CA ARG A 255 10.71 -7.86 -13.13
C ARG A 255 11.76 -8.45 -12.20
N ALA A 256 11.71 -8.06 -10.93
CA ALA A 256 12.50 -8.66 -9.84
C ALA A 256 11.84 -9.96 -9.43
N GLU A 257 12.58 -11.07 -9.40
CA GLU A 257 12.01 -12.43 -9.13
C GLU A 257 12.34 -12.85 -7.70
N GLU A 258 13.27 -12.17 -7.03
CA GLU A 258 13.64 -12.50 -5.63
C GLU A 258 14.16 -11.23 -4.97
N ARG A 259 14.20 -11.21 -3.64
CA ARG A 259 14.65 -10.02 -2.87
C ARG A 259 16.00 -9.53 -3.40
N LYS A 260 16.93 -10.45 -3.71
CA LYS A 260 18.31 -10.08 -4.13
C LYS A 260 18.27 -9.31 -5.44
N ASP A 261 17.32 -9.63 -6.32
CA ASP A 261 17.19 -8.98 -7.66
C ASP A 261 16.95 -7.48 -7.47
N VAL A 262 16.39 -7.01 -6.34
CA VAL A 262 16.10 -5.54 -6.20
C VAL A 262 17.41 -4.75 -6.23
N LYS A 263 18.41 -5.15 -5.43
CA LYS A 263 19.70 -4.42 -5.42
C LYS A 263 20.32 -4.49 -6.82
N THR A 264 20.27 -5.64 -7.49
CA THR A 264 20.88 -5.83 -8.82
C THR A 264 20.26 -4.84 -9.81
N LEU A 265 18.95 -4.71 -9.79
CA LEU A 265 18.22 -3.84 -10.73
C LEU A 265 18.49 -2.38 -10.40
N VAL A 266 18.59 -2.03 -9.12
CA VAL A 266 18.86 -0.63 -8.70
C VAL A 266 20.26 -0.26 -9.17
N VAL A 267 21.24 -1.16 -9.01
CA VAL A 267 22.63 -0.86 -9.43
C VAL A 267 22.66 -0.67 -10.97
N GLU A 268 22.00 -1.56 -11.71
CA GLU A 268 21.88 -1.52 -13.19
C GLU A 268 21.29 -0.17 -13.63
N LEU A 270 21.35 2.68 -11.86
CA LEU A 270 22.29 3.72 -11.55
C LEU A 270 23.38 3.72 -12.64
N GLN A 271 23.82 2.55 -13.08
CA GLN A 271 24.94 2.43 -14.05
C GLN A 271 24.47 3.00 -15.39
N ALA A 272 23.20 2.75 -15.75
CA ALA A 272 22.60 3.26 -16.99
C ALA A 272 22.48 4.78 -16.91
N ALA A 273 22.06 5.35 -15.79
CA ALA A 273 22.04 6.81 -15.62
C ALA A 273 23.44 7.39 -15.83
N LYS A 274 24.45 6.81 -15.17
CA LYS A 274 25.83 7.34 -15.20
C LYS A 274 26.38 7.21 -16.64
N SER A 275 26.10 6.10 -17.32
CA SER A 275 26.53 5.89 -18.73
C SER A 275 25.94 6.98 -19.60
N GLN A 276 24.65 7.30 -19.44
CA GLN A 276 23.98 8.33 -20.26
C GLN A 276 24.67 9.68 -20.01
N ILE A 277 25.01 9.99 -18.77
CA ILE A 277 25.66 11.30 -18.43
C ILE A 277 27.03 11.36 -19.12
N LYS A 278 27.82 10.30 -19.06
CA LYS A 278 29.18 10.25 -19.65
C LYS A 278 29.07 10.39 -21.18
N GLU A 279 28.14 9.69 -21.81
CA GLU A 279 28.12 9.70 -23.30
C GLU A 279 27.75 11.10 -23.77
N ASN A 280 26.80 11.73 -23.09
CA ASN A 280 26.38 13.11 -23.38
C ASN A 280 27.61 14.02 -23.30
N LEU A 281 28.46 13.84 -22.28
CA LEU A 281 29.70 14.65 -22.18
C LEU A 281 30.68 14.32 -23.33
N TYR A 282 30.77 13.07 -23.76
CA TYR A 282 31.64 12.71 -24.90
C TYR A 282 31.23 13.48 -26.15
N PHE A 283 29.93 13.73 -26.33
CA PHE A 283 29.35 14.31 -27.56
C PHE A 283 29.30 15.84 -27.45
N GLN A 284 29.58 16.40 -26.27
CA GLN A 284 29.61 17.86 -25.97
C GLN A 284 28.25 18.48 -26.30
#